data_5V58
#
_entry.id   5V58
#
_cell.length_a   86.766
_cell.length_b   86.766
_cell.length_c   108.773
_cell.angle_alpha   90.000
_cell.angle_beta   90.000
_cell.angle_gamma   120.000
#
_symmetry.space_group_name_H-M   'P 32 2 1'
#
loop_
_entity.id
_entity.type
_entity.pdbx_description
1 polymer 'Bifunctional glutamate/proline--tRNA ligase'
2 non-polymer "5'-O-{[(2S)-azetidine-2-carbonyl]sulfamoyl}adenosine"
3 non-polymer 'ZINC ION'
4 water water
#
_entity_poly.entity_id   1
_entity_poly.type   'polypeptide(L)'
_entity_poly.pdbx_seq_one_letter_code
;MHHHHHHGSGEGQGPKKQTRLGLEAKKEENLADWYSQVITKSEMIEYHDISGCYILRPWAYAIWEAIKDFFDAEIKKLGV
ENCYFPMFVSQSALEKEKTHVADFAPEVAWVTRSGKTELAEPIAIRPTSETVMYPAYAKWVQSHRDLPIKLNQWCNVVRW
EFKHPQPFLRTREFLWQEGHSAFATMEEAAEEVLQILDLYAQVYEELLAIPVVKGRKTEKEKFAGGDYTTTIEAFISASG
RAIQGGTSHHLGQNFSKMFEIVFEDPKIPGEKQFAYQNSWGLTTRTIGVMTMVHGDNMGLVLPPRVACVQVVIIPCGITN
ALSEEDKEALIAKCNDYRRRLLSVNIRVRADLRDNYSPGWKFNHWELKGVPIRLEVGPRDMKSCQFVAVRRDTGEKLTVA
ENEAETKLQAILEDIQVTLFTRASEDLKTHMVVANTMEDFQKILDSGKIVQIPFCGEIDCEDWIKKTTARDQDLEPGAPS
MGAKSLCIPFKPLCELQPGAKCVCGKNPAKYYTLFGRSY
;
_entity_poly.pdbx_strand_id   A
#
# COMPACT_ATOMS: atom_id res chain seq x y z
N ARG A 20 -24.40 16.33 -7.39
CA ARG A 20 -24.14 15.56 -8.65
C ARG A 20 -24.20 14.06 -8.40
N LEU A 21 -24.78 13.34 -9.37
CA LEU A 21 -25.05 11.90 -9.21
C LEU A 21 -23.77 11.06 -9.23
N GLY A 22 -22.88 11.34 -10.18
CA GLY A 22 -21.63 10.59 -10.34
C GLY A 22 -20.41 11.47 -10.52
N LEU A 23 -19.37 10.89 -11.14
CA LEU A 23 -18.11 11.60 -11.39
C LEU A 23 -18.25 12.60 -12.53
N GLU A 24 -17.48 13.67 -12.46
CA GLU A 24 -17.45 14.71 -13.49
C GLU A 24 -16.18 14.58 -14.32
N ALA A 25 -15.03 14.68 -13.65
CA ALA A 25 -13.73 14.64 -14.31
C ALA A 25 -13.37 13.22 -14.72
N LYS A 26 -12.81 13.07 -15.92
CA LYS A 26 -12.29 11.79 -16.39
C LYS A 26 -10.88 11.57 -15.82
N LYS A 27 -10.50 10.30 -15.69
CA LYS A 27 -9.20 9.92 -15.12
C LYS A 27 -8.04 10.41 -15.98
N GLU A 28 -8.19 10.28 -17.31
CA GLU A 28 -7.20 10.76 -18.26
C GLU A 28 -7.22 12.28 -18.45
N GLU A 29 -8.34 12.90 -18.11
CA GLU A 29 -8.56 14.33 -18.30
C GLU A 29 -7.92 15.14 -17.17
N ASN A 30 -8.35 14.87 -15.94
CA ASN A 30 -7.87 15.56 -14.74
C ASN A 30 -7.79 14.59 -13.57
N LEU A 31 -6.62 13.99 -13.40
CA LEU A 31 -6.42 12.94 -12.40
C LEU A 31 -6.66 13.43 -10.97
N ALA A 32 -6.28 14.66 -10.69
CA ALA A 32 -6.42 15.25 -9.36
C ALA A 32 -7.89 15.39 -8.97
N ASP A 33 -8.68 16.02 -9.83
CA ASP A 33 -10.14 16.14 -9.63
C ASP A 33 -10.79 14.76 -9.61
N TRP A 34 -10.38 13.90 -10.54
CA TRP A 34 -10.89 12.53 -10.60
C TRP A 34 -10.66 11.79 -9.28
N TYR A 35 -9.45 11.92 -8.75
CA TYR A 35 -9.07 11.27 -7.49
C TYR A 35 -9.87 11.82 -6.32
N SER A 36 -10.00 13.15 -6.25
CA SER A 36 -10.78 13.79 -5.19
C SER A 36 -12.24 13.38 -5.20
N GLN A 37 -12.81 13.23 -6.41
CA GLN A 37 -14.21 12.88 -6.56
C GLN A 37 -14.50 11.42 -6.25
N VAL A 38 -13.62 10.52 -6.69
CA VAL A 38 -13.81 9.08 -6.46
C VAL A 38 -13.68 8.70 -4.97
N ILE A 39 -12.76 9.33 -4.26
CA ILE A 39 -12.57 9.02 -2.83
C ILE A 39 -13.70 9.57 -1.93
N THR A 40 -14.32 10.67 -2.36
CA THR A 40 -15.44 11.25 -1.61
C THR A 40 -16.77 10.63 -2.01
N LYS A 41 -16.98 10.41 -3.31
CA LYS A 41 -18.23 9.84 -3.82
C LYS A 41 -18.37 8.35 -3.49
N SER A 42 -17.25 7.65 -3.31
CA SER A 42 -17.27 6.25 -2.86
C SER A 42 -17.38 6.13 -1.34
N GLU A 43 -17.43 7.27 -0.65
CA GLU A 43 -17.62 7.35 0.80
C GLU A 43 -16.43 6.76 1.57
N MET A 44 -15.23 6.94 1.02
CA MET A 44 -13.99 6.47 1.64
C MET A 44 -13.34 7.57 2.49
N ILE A 45 -13.29 8.77 1.93
CA ILE A 45 -12.55 9.88 2.53
C ILE A 45 -13.47 11.05 2.87
N GLU A 46 -13.18 11.71 3.99
CA GLU A 46 -13.77 12.99 4.32
C GLU A 46 -12.64 13.95 4.69
N TYR A 47 -12.74 15.19 4.24
CA TYR A 47 -11.71 16.19 4.49
C TYR A 47 -11.82 16.75 5.91
N HIS A 48 -10.70 17.26 6.41
CA HIS A 48 -10.58 17.77 7.77
C HIS A 48 -9.99 19.17 7.73
N ASP A 49 -10.21 19.96 8.78
CA ASP A 49 -9.74 21.35 8.82
C ASP A 49 -8.23 21.50 9.11
N ILE A 50 -7.52 20.39 9.31
CA ILE A 50 -6.06 20.40 9.37
C ILE A 50 -5.51 19.87 8.05
N SER A 51 -4.61 20.63 7.44
CA SER A 51 -4.04 20.27 6.13
C SER A 51 -3.25 18.96 6.21
N GLY A 52 -3.41 18.11 5.19
CA GLY A 52 -2.69 16.85 5.10
C GLY A 52 -3.24 15.72 5.96
N CYS A 53 -4.34 15.98 6.67
CA CYS A 53 -5.00 14.98 7.49
C CYS A 53 -6.38 14.71 6.94
N TYR A 54 -6.71 13.42 6.78
CA TYR A 54 -7.97 13.01 6.18
C TYR A 54 -8.68 11.95 7.02
N ILE A 55 -10.01 12.00 6.99
CA ILE A 55 -10.84 11.10 7.77
C ILE A 55 -11.03 9.79 6.98
N LEU A 56 -10.75 8.67 7.63
CA LEU A 56 -10.97 7.36 7.02
C LEU A 56 -12.36 6.84 7.39
N ARG A 57 -13.29 6.96 6.44
CA ARG A 57 -14.66 6.47 6.64
C ARG A 57 -14.66 4.94 6.52
N PRO A 58 -15.70 4.26 7.04
CA PRO A 58 -15.77 2.80 7.04
C PRO A 58 -15.36 2.11 5.74
N TRP A 59 -15.79 2.65 4.60
CA TRP A 59 -15.50 2.05 3.30
C TRP A 59 -14.01 1.99 2.98
N ALA A 60 -13.27 2.98 3.49
CA ALA A 60 -11.81 3.02 3.37
C ALA A 60 -11.17 2.15 4.44
N TYR A 61 -11.64 2.29 5.67
CA TYR A 61 -11.06 1.57 6.81
C TYR A 61 -11.21 0.06 6.69
N ALA A 62 -12.32 -0.40 6.11
CA ALA A 62 -12.57 -1.83 5.89
C ALA A 62 -11.49 -2.49 5.03
N ILE A 63 -10.96 -1.74 4.07
CA ILE A 63 -9.88 -2.25 3.21
C ILE A 63 -8.60 -2.40 4.03
N TRP A 64 -8.32 -1.41 4.88
CA TRP A 64 -7.17 -1.46 5.79
C TRP A 64 -7.28 -2.65 6.73
N GLU A 65 -8.49 -2.93 7.21
CA GLU A 65 -8.73 -4.08 8.08
C GLU A 65 -8.48 -5.41 7.36
N ALA A 66 -8.84 -5.46 6.08
CA ALA A 66 -8.57 -6.65 5.26
C ALA A 66 -7.07 -6.87 5.12
N ILE A 67 -6.33 -5.78 4.87
CA ILE A 67 -4.86 -5.84 4.80
C ILE A 67 -4.28 -6.24 6.15
N LYS A 68 -4.80 -5.64 7.22
CA LYS A 68 -4.34 -5.92 8.58
C LYS A 68 -4.52 -7.40 8.94
N ASP A 69 -5.72 -7.92 8.74
CA ASP A 69 -6.03 -9.31 9.10
C ASP A 69 -5.11 -10.30 8.40
N PHE A 70 -4.84 -10.06 7.11
CA PHE A 70 -3.94 -10.90 6.34
C PHE A 70 -2.50 -10.80 6.86
N PHE A 71 -1.95 -9.59 6.85
CA PHE A 71 -0.57 -9.37 7.23
C PHE A 71 -0.30 -9.79 8.69
N ASP A 72 -1.22 -9.48 9.58
CA ASP A 72 -1.08 -9.79 10.99
C ASP A 72 -1.00 -11.31 11.22
N ALA A 73 -1.87 -12.05 10.55
CA ALA A 73 -1.86 -13.51 10.63
C ALA A 73 -0.58 -14.12 10.07
N GLU A 74 -0.02 -13.52 9.01
CA GLU A 74 1.17 -14.05 8.36
C GLU A 74 2.45 -13.85 9.17
N ILE A 75 2.61 -12.69 9.80
CA ILE A 75 3.81 -12.42 10.62
C ILE A 75 3.82 -13.23 11.92
N LYS A 76 2.65 -13.63 12.41
CA LYS A 76 2.57 -14.52 13.57
C LYS A 76 3.07 -15.93 13.27
N LYS A 77 2.97 -16.34 12.01
CA LYS A 77 3.58 -17.62 11.57
C LYS A 77 5.11 -17.54 11.59
N LEU A 78 5.64 -16.35 11.32
CA LEU A 78 7.09 -16.11 11.36
C LEU A 78 7.62 -15.93 12.80
N GLY A 79 6.72 -15.93 13.79
CA GLY A 79 7.12 -15.77 15.18
C GLY A 79 7.22 -14.32 15.65
N VAL A 80 6.55 -13.41 14.94
CA VAL A 80 6.50 -12.00 15.32
C VAL A 80 5.30 -11.79 16.24
N GLU A 81 5.48 -10.95 17.26
CA GLU A 81 4.45 -10.72 18.27
C GLU A 81 4.08 -9.23 18.30
N ASN A 82 2.80 -8.94 18.47
CA ASN A 82 2.32 -7.56 18.50
C ASN A 82 2.59 -6.88 19.83
N CYS A 83 2.69 -5.56 19.80
CA CYS A 83 2.98 -4.76 20.98
C CYS A 83 2.50 -3.33 20.76
N TYR A 84 2.79 -2.44 21.71
CA TYR A 84 2.53 -1.02 21.52
C TYR A 84 3.48 -0.18 22.36
N PHE A 85 4.28 0.65 21.69
CA PHE A 85 5.18 1.58 22.36
C PHE A 85 4.58 2.99 22.36
N PRO A 86 5.04 3.86 23.27
CA PRO A 86 4.50 5.22 23.34
C PRO A 86 4.69 6.03 22.06
N MET A 87 3.74 6.92 21.79
CA MET A 87 3.81 7.83 20.65
C MET A 87 4.81 8.96 20.89
N PHE A 88 5.11 9.24 22.16
CA PHE A 88 6.02 10.33 22.50
C PHE A 88 7.47 9.87 22.57
N VAL A 89 8.35 10.68 21.98
CA VAL A 89 9.79 10.43 21.98
C VAL A 89 10.48 11.58 22.69
N SER A 90 11.43 11.26 23.56
CA SER A 90 12.23 12.28 24.22
C SER A 90 13.23 12.86 23.22
N GLN A 91 13.68 14.08 23.49
CA GLN A 91 14.71 14.71 22.66
C GLN A 91 16.02 13.92 22.77
N SER A 92 16.34 13.49 23.98
CA SER A 92 17.53 12.67 24.25
C SER A 92 17.58 11.41 23.38
N ALA A 93 16.43 10.74 23.24
CA ALA A 93 16.33 9.52 22.44
C ALA A 93 16.55 9.79 20.95
N LEU A 94 15.98 10.88 20.45
CA LEU A 94 16.11 11.26 19.04
C LEU A 94 17.56 11.60 18.65
N GLU A 95 18.27 12.26 19.55
CA GLU A 95 19.62 12.76 19.26
C GLU A 95 20.73 11.75 19.52
N LYS A 96 20.36 10.55 19.99
CA LYS A 96 21.28 9.41 19.99
C LYS A 96 21.57 9.00 18.54
N GLU A 97 20.54 9.05 17.71
CA GLU A 97 20.66 8.78 16.28
C GLU A 97 21.29 9.98 15.56
N LYS A 98 20.74 11.16 15.81
CA LYS A 98 21.24 12.40 15.19
C LYS A 98 22.56 12.83 15.82
N ALA A 105 14.08 15.14 11.04
CA ALA A 105 13.99 16.21 12.03
C ALA A 105 13.01 17.31 11.61
N PRO A 106 13.11 17.79 10.36
CA PRO A 106 12.19 18.84 9.88
C PRO A 106 10.72 18.42 9.80
N GLU A 107 10.46 17.12 9.70
CA GLU A 107 9.10 16.59 9.64
C GLU A 107 8.52 16.24 11.02
N VAL A 108 9.35 16.30 12.06
CA VAL A 108 8.93 15.86 13.40
C VAL A 108 8.07 16.90 14.11
N ALA A 109 6.85 16.51 14.47
CA ALA A 109 5.94 17.38 15.21
C ALA A 109 6.34 17.42 16.69
N TRP A 110 6.39 18.62 17.27
CA TRP A 110 6.82 18.80 18.65
C TRP A 110 5.71 19.34 19.55
N VAL A 111 5.45 18.64 20.65
CA VAL A 111 4.54 19.10 21.69
C VAL A 111 5.33 19.94 22.70
N THR A 112 4.89 21.17 22.93
CA THR A 112 5.59 22.12 23.80
C THR A 112 4.80 22.57 25.04
N ARG A 113 3.48 22.45 25.00
CA ARG A 113 2.65 22.82 26.15
C ARG A 113 1.45 21.90 26.32
N SER A 114 1.03 21.71 27.58
CA SER A 114 -0.20 21.00 27.90
C SER A 114 -1.18 21.98 28.52
N GLY A 115 -2.26 22.30 27.79
CA GLY A 115 -3.18 23.34 28.19
C GLY A 115 -2.52 24.72 28.10
N LYS A 116 -2.66 25.52 29.15
CA LYS A 116 -2.06 26.86 29.19
C LYS A 116 -0.59 26.81 29.63
N THR A 117 -0.25 25.85 30.49
CA THR A 117 1.12 25.73 31.01
C THR A 117 2.07 25.06 30.02
N GLU A 118 3.27 25.62 29.88
CA GLU A 118 4.29 25.09 28.99
C GLU A 118 5.05 23.95 29.66
N LEU A 119 5.46 22.97 28.85
CA LEU A 119 6.27 21.86 29.34
C LEU A 119 7.70 22.32 29.55
N ALA A 120 8.36 21.75 30.56
CA ALA A 120 9.77 22.04 30.83
C ALA A 120 10.61 21.71 29.60
N GLU A 121 10.38 20.53 29.03
CA GLU A 121 11.13 20.08 27.85
C GLU A 121 10.14 19.64 26.77
N PRO A 122 10.40 20.03 25.50
CA PRO A 122 9.51 19.61 24.43
C PRO A 122 9.58 18.11 24.15
N ILE A 123 8.46 17.54 23.68
CA ILE A 123 8.34 16.12 23.41
C ILE A 123 7.85 15.94 21.97
N ALA A 124 8.39 14.96 21.26
CA ALA A 124 8.11 14.78 19.83
C ALA A 124 7.12 13.65 19.55
N ILE A 125 6.31 13.83 18.51
CA ILE A 125 5.43 12.78 18.02
C ILE A 125 6.26 11.89 17.09
N ARG A 126 6.12 10.58 17.24
CA ARG A 126 6.87 9.62 16.42
C ARG A 126 6.59 9.76 14.92
N PRO A 127 7.65 9.94 14.10
CA PRO A 127 7.56 9.67 12.67
C PRO A 127 7.89 8.20 12.37
N THR A 128 8.54 7.56 13.35
CA THR A 128 8.95 6.16 13.29
C THR A 128 9.49 5.84 14.69
N SER A 129 9.51 4.56 15.06
CA SER A 129 9.72 4.20 16.47
C SER A 129 11.07 3.56 16.80
N GLU A 130 12.09 3.73 15.95
CA GLU A 130 13.42 3.19 16.23
C GLU A 130 13.96 3.70 17.54
N THR A 131 13.96 5.02 17.72
CA THR A 131 14.51 5.65 18.92
C THR A 131 13.64 5.39 20.16
N VAL A 132 12.37 5.07 19.95
CA VAL A 132 11.44 4.75 21.04
C VAL A 132 11.65 3.33 21.54
N MET A 133 11.81 2.38 20.61
CA MET A 133 11.84 0.96 20.93
C MET A 133 13.21 0.45 21.37
N TYR A 134 14.27 0.93 20.72
CA TYR A 134 15.60 0.33 20.87
C TYR A 134 16.32 0.57 22.20
N PRO A 135 15.98 1.65 22.92
CA PRO A 135 16.50 1.74 24.30
C PRO A 135 16.00 0.57 25.17
N ALA A 136 14.74 0.17 24.98
CA ALA A 136 14.15 -0.97 25.70
C ALA A 136 14.74 -2.30 25.23
N TYR A 137 15.03 -2.39 23.92
CA TYR A 137 15.70 -3.56 23.35
C TYR A 137 17.05 -3.82 24.03
N ALA A 138 17.80 -2.74 24.28
CA ALA A 138 19.10 -2.82 24.95
C ALA A 138 18.97 -3.43 26.36
N LYS A 139 17.92 -3.04 27.07
CA LYS A 139 17.66 -3.56 28.41
C LYS A 139 17.26 -5.03 28.39
N TRP A 140 16.56 -5.46 27.33
CA TRP A 140 16.08 -6.85 27.22
C TRP A 140 17.13 -7.84 26.71
N VAL A 141 18.26 -7.34 26.20
CA VAL A 141 19.30 -8.21 25.65
C VAL A 141 20.49 -8.30 26.60
N GLN A 142 20.64 -9.46 27.23
CA GLN A 142 21.80 -9.77 28.08
C GLN A 142 22.73 -10.69 27.30
N SER A 143 22.18 -11.82 26.84
CA SER A 143 22.91 -12.85 26.11
C SER A 143 22.21 -13.16 24.80
N HIS A 144 22.80 -14.06 24.00
CA HIS A 144 22.25 -14.39 22.67
C HIS A 144 20.96 -15.20 22.73
N ARG A 145 20.68 -15.83 23.87
CA ARG A 145 19.42 -16.55 24.07
C ARG A 145 18.21 -15.61 24.14
N ASP A 146 18.45 -14.35 24.50
CA ASP A 146 17.40 -13.32 24.48
C ASP A 146 16.99 -12.97 23.05
N LEU A 147 17.91 -13.15 22.10
CA LEU A 147 17.62 -12.97 20.68
C LEU A 147 17.13 -14.27 20.06
N PRO A 148 16.30 -14.21 19.01
CA PRO A 148 15.83 -12.99 18.35
C PRO A 148 14.62 -12.35 19.02
N ILE A 149 14.50 -11.04 18.89
CA ILE A 149 13.32 -10.30 19.33
C ILE A 149 12.61 -9.76 18.09
N LYS A 150 11.39 -10.24 17.86
CA LYS A 150 10.62 -9.88 16.68
C LYS A 150 9.29 -9.26 17.10
N LEU A 151 9.22 -7.93 17.05
CA LEU A 151 8.04 -7.19 17.52
C LEU A 151 7.43 -6.33 16.42
N ASN A 152 6.10 -6.21 16.46
CA ASN A 152 5.34 -5.40 15.53
C ASN A 152 4.31 -4.56 16.27
N GLN A 153 3.93 -3.42 15.70
CA GLN A 153 2.82 -2.63 16.25
C GLN A 153 2.00 -1.98 15.14
N TRP A 154 0.68 -1.99 15.31
CA TRP A 154 -0.23 -1.27 14.43
C TRP A 154 -0.58 0.06 15.09
N CYS A 155 -0.17 1.16 14.48
CA CYS A 155 -0.30 2.48 15.11
C CYS A 155 -0.28 3.62 14.10
N ASN A 156 -0.40 4.84 14.61
CA ASN A 156 -0.32 6.05 13.80
C ASN A 156 1.02 6.76 14.00
N VAL A 157 1.47 7.43 12.95
CA VAL A 157 2.71 8.22 12.98
C VAL A 157 2.51 9.53 12.25
N VAL A 158 3.31 10.53 12.61
CA VAL A 158 3.19 11.87 12.03
C VAL A 158 4.48 12.25 11.33
N ARG A 159 4.35 12.68 10.07
CA ARG A 159 5.48 13.23 9.32
C ARG A 159 5.01 14.53 8.68
N TRP A 160 5.38 15.64 9.29
CA TRP A 160 4.89 16.96 8.86
C TRP A 160 5.64 17.43 7.60
N GLU A 161 5.35 16.76 6.49
CA GLU A 161 5.96 17.06 5.20
C GLU A 161 5.20 18.23 4.57
N PHE A 162 5.88 19.36 4.39
CA PHE A 162 5.23 20.59 3.92
C PHE A 162 5.17 20.70 2.39
N LYS A 163 4.86 19.60 1.72
CA LYS A 163 4.63 19.59 0.27
C LYS A 163 3.13 19.79 0.03
N HIS A 164 2.62 19.32 -1.10
CA HIS A 164 1.18 19.23 -1.33
C HIS A 164 0.75 17.81 -0.96
N PRO A 165 0.10 17.64 0.20
CA PRO A 165 -0.28 16.29 0.61
C PRO A 165 -1.42 15.73 -0.23
N GLN A 166 -1.49 14.41 -0.34
CA GLN A 166 -2.57 13.73 -1.03
C GLN A 166 -3.22 12.71 -0.11
N PRO A 167 -4.55 12.55 -0.19
CA PRO A 167 -5.21 11.47 0.56
C PRO A 167 -4.55 10.12 0.27
N PHE A 168 -4.36 9.33 1.33
CA PHE A 168 -3.69 8.01 1.26
C PHE A 168 -2.19 8.07 0.90
N LEU A 169 -1.87 8.66 -0.25
CA LEU A 169 -0.51 8.57 -0.82
C LEU A 169 0.55 9.32 -0.01
N ARG A 170 0.30 10.60 0.24
CA ARG A 170 1.20 11.45 1.04
C ARG A 170 0.38 12.19 2.09
N THR A 171 0.14 11.52 3.22
CA THR A 171 -0.65 12.12 4.31
C THR A 171 0.25 12.51 5.47
N ARG A 172 -0.21 13.48 6.24
CA ARG A 172 0.57 14.09 7.31
C ARG A 172 0.53 13.21 8.57
N GLU A 173 -0.64 12.63 8.83
CA GLU A 173 -0.78 11.50 9.73
C GLU A 173 -1.16 10.30 8.89
N PHE A 174 -0.71 9.11 9.29
CA PHE A 174 -1.13 7.88 8.62
C PHE A 174 -1.04 6.67 9.53
N LEU A 175 -1.99 5.75 9.36
CA LEU A 175 -1.95 4.46 10.02
C LEU A 175 -0.97 3.57 9.29
N TRP A 176 -0.28 2.71 10.04
CA TRP A 176 0.63 1.74 9.44
C TRP A 176 0.89 0.58 10.39
N GLN A 177 1.76 -0.33 9.95
CA GLN A 177 2.42 -1.25 10.87
C GLN A 177 3.90 -1.01 10.74
N GLU A 178 4.62 -1.14 11.85
CA GLU A 178 6.07 -1.12 11.83
C GLU A 178 6.60 -2.30 12.61
N GLY A 179 7.33 -3.17 11.91
CA GLY A 179 7.99 -4.31 12.53
C GLY A 179 9.44 -3.96 12.81
N HIS A 180 9.96 -4.48 13.91
CA HIS A 180 11.33 -4.22 14.33
C HIS A 180 11.93 -5.51 14.89
N SER A 181 12.94 -6.04 14.21
CA SER A 181 13.54 -7.31 14.60
C SER A 181 15.03 -7.16 14.90
N ALA A 182 15.52 -7.94 15.86
CA ALA A 182 16.93 -7.95 16.24
C ALA A 182 17.44 -9.39 16.31
N PHE A 183 18.56 -9.67 15.65
CA PHE A 183 19.10 -11.03 15.55
C PHE A 183 20.55 -11.10 16.01
N ALA A 184 21.03 -12.32 16.21
CA ALA A 184 22.41 -12.57 16.58
C ALA A 184 23.34 -12.45 15.37
N THR A 185 22.88 -12.92 14.21
CA THR A 185 23.69 -12.93 12.99
C THR A 185 23.04 -12.12 11.87
N MET A 186 23.89 -11.62 10.97
CA MET A 186 23.44 -10.85 9.80
C MET A 186 22.57 -11.70 8.87
N GLU A 187 22.92 -12.99 8.77
CA GLU A 187 22.26 -13.89 7.83
C GLU A 187 20.78 -14.14 8.21
N GLU A 188 20.52 -14.27 9.51
CA GLU A 188 19.14 -14.33 10.00
C GLU A 188 18.35 -13.10 9.60
N ALA A 189 18.95 -11.92 9.81
CA ALA A 189 18.33 -10.65 9.47
C ALA A 189 18.17 -10.50 7.96
N ALA A 190 19.10 -11.07 7.19
CA ALA A 190 19.07 -10.99 5.73
C ALA A 190 17.89 -11.76 5.14
N GLU A 191 17.55 -12.89 5.75
CA GLU A 191 16.44 -13.72 5.27
C GLU A 191 15.09 -13.07 5.58
N GLU A 192 14.95 -12.47 6.76
CA GLU A 192 13.68 -11.82 7.14
C GLU A 192 13.34 -10.65 6.22
N VAL A 193 14.35 -9.87 5.85
CA VAL A 193 14.15 -8.72 4.97
C VAL A 193 13.36 -9.11 3.71
N LEU A 194 13.79 -10.20 3.07
CA LEU A 194 13.14 -10.68 1.85
C LEU A 194 11.83 -11.41 2.13
N GLN A 195 11.75 -12.06 3.29
CA GLN A 195 10.50 -12.67 3.72
C GLN A 195 9.40 -11.62 3.86
N ILE A 196 9.72 -10.54 4.57
CA ILE A 196 8.78 -9.45 4.78
C ILE A 196 8.45 -8.73 3.47
N LEU A 197 9.46 -8.49 2.64
CA LEU A 197 9.24 -7.83 1.36
C LEU A 197 8.31 -8.63 0.46
N ASP A 198 8.45 -9.95 0.49
CA ASP A 198 7.55 -10.83 -0.25
C ASP A 198 6.12 -10.74 0.29
N LEU A 199 5.98 -10.61 1.61
CA LEU A 199 4.65 -10.44 2.22
C LEU A 199 4.00 -9.12 1.77
N TYR A 200 4.80 -8.07 1.62
CA TYR A 200 4.30 -6.80 1.09
C TYR A 200 3.88 -6.93 -0.38
N ALA A 201 4.70 -7.60 -1.18
CA ALA A 201 4.36 -7.89 -2.57
C ALA A 201 3.09 -8.71 -2.64
N GLN A 202 2.98 -9.69 -1.74
CA GLN A 202 1.77 -10.52 -1.63
C GLN A 202 0.55 -9.68 -1.28
N VAL A 203 0.72 -8.72 -0.37
CA VAL A 203 -0.36 -7.78 -0.02
C VAL A 203 -0.77 -6.93 -1.23
N TYR A 204 0.20 -6.50 -2.02
CA TYR A 204 -0.09 -5.69 -3.21
C TYR A 204 -0.66 -6.51 -4.35
N GLU A 205 -0.09 -7.70 -4.60
CA GLU A 205 -0.47 -8.51 -5.74
C GLU A 205 -1.70 -9.40 -5.50
N GLU A 206 -1.72 -10.11 -4.38
CA GLU A 206 -2.81 -11.08 -4.10
C GLU A 206 -4.05 -10.45 -3.47
N LEU A 207 -3.86 -9.43 -2.62
CA LEU A 207 -5.00 -8.74 -2.01
C LEU A 207 -5.49 -7.59 -2.88
N LEU A 208 -4.58 -6.66 -3.20
CA LEU A 208 -4.95 -5.44 -3.91
C LEU A 208 -4.87 -5.55 -5.45
N ALA A 209 -4.36 -6.67 -5.95
CA ALA A 209 -4.23 -6.90 -7.40
C ALA A 209 -3.34 -5.84 -8.11
N ILE A 210 -2.38 -5.30 -7.36
CA ILE A 210 -1.45 -4.30 -7.88
C ILE A 210 -0.12 -4.99 -8.16
N PRO A 211 0.41 -4.88 -9.39
CA PRO A 211 1.71 -5.44 -9.72
C PRO A 211 2.83 -4.56 -9.18
N VAL A 212 3.91 -5.18 -8.70
CA VAL A 212 5.01 -4.45 -8.06
C VAL A 212 6.37 -4.92 -8.55
N VAL A 213 7.35 -4.01 -8.49
CA VAL A 213 8.73 -4.31 -8.83
C VAL A 213 9.56 -4.37 -7.56
N LYS A 214 10.07 -5.55 -7.23
CA LYS A 214 10.94 -5.72 -6.07
C LYS A 214 12.34 -5.25 -6.40
N GLY A 215 12.94 -4.45 -5.52
CA GLY A 215 14.28 -3.92 -5.75
C GLY A 215 14.93 -3.31 -4.52
N ARG A 216 16.21 -2.98 -4.67
CA ARG A 216 16.98 -2.34 -3.60
C ARG A 216 17.07 -0.86 -3.90
N LYS A 217 16.86 -0.03 -2.87
CA LYS A 217 17.01 1.41 -3.03
C LYS A 217 18.48 1.77 -3.27
N THR A 218 18.72 2.88 -3.95
CA THR A 218 20.07 3.38 -4.15
C THR A 218 20.57 4.00 -2.85
N GLU A 219 21.83 4.45 -2.83
CA GLU A 219 22.40 5.05 -1.62
C GLU A 219 21.72 6.35 -1.24
N LYS A 220 21.25 7.10 -2.23
CA LYS A 220 20.56 8.36 -1.99
C LYS A 220 19.20 8.14 -1.31
N GLU A 221 18.46 7.13 -1.76
CA GLU A 221 17.07 6.94 -1.33
C GLU A 221 16.89 6.00 -0.13
N LYS A 222 17.98 5.39 0.35
CA LYS A 222 17.90 4.42 1.45
C LYS A 222 17.50 5.06 2.77
N PHE A 223 17.06 4.22 3.71
CA PHE A 223 16.63 4.67 5.03
C PHE A 223 17.82 5.20 5.83
N ALA A 224 17.66 6.39 6.40
CA ALA A 224 18.73 7.05 7.16
C ALA A 224 19.14 6.20 8.36
N GLY A 225 20.43 5.86 8.43
CA GLY A 225 20.96 4.99 9.48
C GLY A 225 20.87 3.51 9.15
N GLY A 226 20.32 3.19 7.98
CA GLY A 226 20.17 1.80 7.56
C GLY A 226 21.35 1.31 6.75
N ASP A 227 21.53 0.00 6.71
CA ASP A 227 22.58 -0.62 5.90
C ASP A 227 22.12 -0.66 4.45
N TYR A 228 20.95 -1.26 4.22
CA TYR A 228 20.32 -1.23 2.91
C TYR A 228 18.79 -1.33 3.02
N THR A 229 18.10 -0.75 2.03
CA THR A 229 16.65 -0.75 1.98
C THR A 229 16.18 -1.50 0.74
N THR A 230 15.32 -2.49 0.95
CA THR A 230 14.59 -3.12 -0.14
C THR A 230 13.21 -2.50 -0.20
N THR A 231 12.63 -2.45 -1.41
CA THR A 231 11.38 -1.77 -1.63
C THR A 231 10.52 -2.48 -2.67
N ILE A 232 9.23 -2.22 -2.64
CA ILE A 232 8.33 -2.61 -3.71
C ILE A 232 7.82 -1.33 -4.36
N GLU A 233 8.05 -1.20 -5.67
CA GLU A 233 7.63 -0.03 -6.43
C GLU A 233 6.40 -0.39 -7.25
N ALA A 234 5.35 0.42 -7.08
CA ALA A 234 4.15 0.31 -7.90
C ALA A 234 4.16 1.39 -8.97
N PHE A 235 3.32 1.23 -9.99
CA PHE A 235 3.23 2.18 -11.10
C PHE A 235 1.79 2.64 -11.29
N ILE A 236 1.58 3.95 -11.21
CA ILE A 236 0.28 4.57 -11.46
C ILE A 236 0.28 5.12 -12.89
N SER A 237 -0.35 4.37 -13.79
CA SER A 237 -0.25 4.64 -15.24
C SER A 237 -0.90 5.95 -15.69
N ALA A 238 -1.91 6.42 -14.96
CA ALA A 238 -2.57 7.69 -15.28
C ALA A 238 -1.61 8.88 -15.21
N SER A 239 -0.80 8.93 -14.15
CA SER A 239 0.23 9.95 -14.00
C SER A 239 1.47 9.63 -14.84
N GLY A 240 1.74 8.33 -15.01
CA GLY A 240 3.04 7.88 -15.50
C GLY A 240 4.08 7.99 -14.39
N ARG A 241 3.60 8.00 -13.15
CA ARG A 241 4.46 8.15 -11.98
C ARG A 241 4.47 6.85 -11.16
N ALA A 242 5.64 6.50 -10.64
CA ALA A 242 5.80 5.36 -9.75
C ALA A 242 5.60 5.81 -8.31
N ILE A 243 5.37 4.86 -7.40
CA ILE A 243 5.28 5.16 -5.98
C ILE A 243 5.83 4.04 -5.11
N GLN A 244 6.51 4.42 -4.04
CA GLN A 244 7.07 3.49 -3.07
C GLN A 244 5.94 2.82 -2.31
N GLY A 245 5.83 1.50 -2.46
CA GLY A 245 4.69 0.75 -1.94
C GLY A 245 4.85 0.17 -0.55
N GLY A 246 6.08 0.13 -0.05
CA GLY A 246 6.38 -0.47 1.24
C GLY A 246 7.81 -0.98 1.29
N THR A 247 8.50 -0.71 2.39
CA THR A 247 9.92 -1.00 2.47
C THR A 247 10.29 -1.93 3.63
N SER A 248 11.31 -2.74 3.39
CA SER A 248 11.92 -3.57 4.42
C SER A 248 13.40 -3.23 4.47
N HIS A 249 13.88 -2.82 5.64
CA HIS A 249 15.22 -2.29 5.82
C HIS A 249 16.11 -3.23 6.61
N HIS A 250 17.37 -3.33 6.19
CA HIS A 250 18.39 -3.95 7.01
C HIS A 250 19.17 -2.84 7.66
N LEU A 251 18.96 -2.67 8.97
CA LEU A 251 19.63 -1.62 9.73
C LEU A 251 21.04 -2.02 10.11
N GLY A 252 21.36 -3.31 9.96
CA GLY A 252 22.67 -3.83 10.32
C GLY A 252 22.94 -3.64 11.80
N GLN A 253 24.12 -3.10 12.11
CA GLN A 253 24.53 -2.84 13.48
C GLN A 253 24.54 -1.35 13.80
N ASN A 254 24.06 -0.53 12.87
CA ASN A 254 24.10 0.92 13.03
C ASN A 254 23.25 1.40 14.21
N PHE A 255 22.03 0.86 14.33
CA PHE A 255 21.13 1.24 15.43
C PHE A 255 21.48 0.56 16.76
N SER A 256 22.00 -0.66 16.68
CA SER A 256 22.42 -1.39 17.88
C SER A 256 23.68 -0.79 18.52
N LYS A 257 24.45 -0.02 17.74
CA LYS A 257 25.60 0.71 18.28
C LYS A 257 25.15 2.00 18.96
N MET A 258 24.26 2.74 18.32
CA MET A 258 23.73 3.99 18.86
C MET A 258 23.08 3.80 20.23
N PHE A 259 22.37 2.69 20.40
CA PHE A 259 21.64 2.41 21.65
C PHE A 259 22.27 1.28 22.48
N GLU A 260 23.44 0.80 22.06
CA GLU A 260 24.20 -0.22 22.80
C GLU A 260 23.37 -1.48 23.07
N ILE A 261 22.86 -2.08 22.00
CA ILE A 261 22.19 -3.37 22.07
C ILE A 261 23.25 -4.44 21.84
N VAL A 262 23.72 -5.04 22.93
CA VAL A 262 24.89 -5.91 22.90
C VAL A 262 24.69 -7.19 23.69
N PHE A 263 25.31 -8.27 23.21
CA PHE A 263 25.24 -9.55 23.90
C PHE A 263 26.62 -10.22 23.91
N GLU A 264 26.76 -11.22 24.78
CA GLU A 264 28.01 -11.96 24.93
C GLU A 264 28.20 -12.88 23.73
N ASP A 265 29.35 -12.76 23.07
CA ASP A 265 29.67 -13.61 21.93
C ASP A 265 29.88 -15.05 22.40
N PRO A 266 29.00 -15.98 21.99
CA PRO A 266 29.12 -17.36 22.46
C PRO A 266 30.27 -18.14 21.82
N LYS A 267 30.74 -17.68 20.67
CA LYS A 267 31.87 -18.31 19.97
C LYS A 267 33.22 -17.74 20.40
N ILE A 268 33.22 -16.46 20.82
CA ILE A 268 34.45 -15.77 21.24
C ILE A 268 34.34 -15.36 22.71
N PRO A 269 35.07 -16.06 23.61
CA PRO A 269 34.96 -15.91 25.07
C PRO A 269 34.73 -14.49 25.61
N GLY A 270 35.64 -13.58 25.30
CA GLY A 270 35.66 -12.25 25.92
C GLY A 270 34.93 -11.15 25.15
N GLU A 271 34.98 -11.22 23.82
CA GLU A 271 34.47 -10.14 22.97
C GLU A 271 32.94 -9.97 23.07
N LYS A 272 32.47 -8.82 22.61
CA LYS A 272 31.05 -8.47 22.70
C LYS A 272 30.52 -8.08 21.32
N GLN A 273 29.33 -8.60 20.98
CA GLN A 273 28.77 -8.42 19.64
C GLN A 273 27.51 -7.58 19.63
N PHE A 274 27.36 -6.75 18.60
CA PHE A 274 26.17 -5.92 18.42
C PHE A 274 25.09 -6.69 17.67
N ALA A 275 23.83 -6.45 18.04
CA ALA A 275 22.70 -7.12 17.41
C ALA A 275 22.47 -6.61 15.99
N TYR A 276 22.16 -7.52 15.08
CA TYR A 276 21.83 -7.18 13.69
C TYR A 276 20.33 -6.94 13.59
N GLN A 277 19.92 -5.76 13.14
CA GLN A 277 18.52 -5.34 13.21
C GLN A 277 17.87 -5.07 11.86
N ASN A 278 16.57 -5.37 11.79
CA ASN A 278 15.72 -4.98 10.68
C ASN A 278 14.60 -4.07 11.17
N SER A 279 14.07 -3.25 10.28
CA SER A 279 12.80 -2.57 10.49
C SER A 279 12.05 -2.53 9.16
N TRP A 280 10.73 -2.62 9.22
CA TRP A 280 9.90 -2.70 8.01
C TRP A 280 8.53 -2.09 8.26
N GLY A 281 7.97 -1.42 7.24
CA GLY A 281 6.70 -0.71 7.40
C GLY A 281 5.85 -0.60 6.15
N LEU A 282 4.54 -0.74 6.35
CA LEU A 282 3.55 -0.59 5.28
C LEU A 282 2.38 0.23 5.82
N THR A 283 1.85 1.13 4.99
CA THR A 283 0.90 2.15 5.44
C THR A 283 -0.42 2.13 4.67
N THR A 284 -1.28 3.09 5.01
CA THR A 284 -2.55 3.29 4.31
C THR A 284 -2.39 3.89 2.90
N ARG A 285 -1.14 4.17 2.50
CA ARG A 285 -0.82 4.47 1.10
C ARG A 285 -1.34 3.38 0.15
N THR A 286 -1.32 2.13 0.62
CA THR A 286 -1.86 0.99 -0.12
C THR A 286 -3.21 1.28 -0.77
N ILE A 287 -4.13 1.83 0.02
CA ILE A 287 -5.49 2.11 -0.43
C ILE A 287 -5.51 3.15 -1.54
N GLY A 288 -4.59 4.12 -1.46
CA GLY A 288 -4.45 5.15 -2.49
C GLY A 288 -3.98 4.59 -3.82
N VAL A 289 -3.05 3.64 -3.78
CA VAL A 289 -2.51 3.00 -4.99
C VAL A 289 -3.56 2.09 -5.62
N MET A 290 -4.36 1.44 -4.77
CA MET A 290 -5.48 0.61 -5.22
C MET A 290 -6.50 1.46 -5.98
N THR A 291 -6.79 2.64 -5.45
CA THR A 291 -7.76 3.55 -6.06
C THR A 291 -7.24 4.09 -7.39
N MET A 292 -5.96 4.49 -7.40
CA MET A 292 -5.36 5.10 -8.58
C MET A 292 -5.19 4.13 -9.74
N VAL A 293 -4.86 2.87 -9.43
CA VAL A 293 -4.60 1.86 -10.46
C VAL A 293 -5.90 1.32 -11.05
N HIS A 294 -6.77 0.79 -10.18
CA HIS A 294 -7.97 0.07 -10.61
C HIS A 294 -9.16 0.98 -10.95
N GLY A 295 -9.23 2.14 -10.30
CA GLY A 295 -10.36 3.04 -10.50
C GLY A 295 -10.52 3.48 -11.95
N ASP A 296 -11.78 3.67 -12.36
CA ASP A 296 -12.10 4.09 -13.73
C ASP A 296 -13.03 5.30 -13.70
N ASN A 297 -13.56 5.68 -14.85
CA ASN A 297 -14.41 6.89 -14.96
C ASN A 297 -15.82 6.74 -14.41
N MET A 298 -16.15 5.55 -13.89
CA MET A 298 -17.44 5.31 -13.23
C MET A 298 -17.32 5.24 -11.71
N GLY A 299 -16.08 5.32 -11.20
CA GLY A 299 -15.83 5.40 -9.76
C GLY A 299 -14.79 4.42 -9.26
N LEU A 300 -14.91 4.04 -8.00
CA LEU A 300 -13.99 3.11 -7.36
C LEU A 300 -14.18 1.70 -7.91
N VAL A 301 -13.14 0.88 -7.82
CA VAL A 301 -13.19 -0.52 -8.23
C VAL A 301 -12.44 -1.36 -7.19
N LEU A 302 -13.19 -2.12 -6.39
CA LEU A 302 -12.61 -2.92 -5.32
C LEU A 302 -12.19 -4.30 -5.82
N PRO A 303 -10.97 -4.75 -5.48
CA PRO A 303 -10.64 -6.15 -5.70
C PRO A 303 -11.41 -7.04 -4.71
N PRO A 304 -12.12 -8.08 -5.21
CA PRO A 304 -12.92 -9.01 -4.41
C PRO A 304 -12.26 -9.52 -3.12
N ARG A 305 -10.96 -9.77 -3.18
CA ARG A 305 -10.19 -10.25 -2.02
C ARG A 305 -10.16 -9.21 -0.90
N VAL A 306 -10.35 -7.94 -1.24
CA VAL A 306 -10.26 -6.82 -0.30
C VAL A 306 -11.62 -6.14 0.00
N ALA A 307 -12.59 -6.31 -0.89
CA ALA A 307 -13.89 -5.66 -0.75
C ALA A 307 -14.65 -6.19 0.46
N CYS A 308 -15.08 -5.29 1.36
CA CYS A 308 -15.87 -5.68 2.53
C CYS A 308 -17.27 -6.14 2.10
N VAL A 309 -17.77 -5.57 1.00
CA VAL A 309 -18.93 -6.09 0.31
C VAL A 309 -18.50 -6.58 -1.06
N GLN A 310 -18.50 -7.90 -1.25
CA GLN A 310 -18.15 -8.51 -2.53
C GLN A 310 -19.34 -8.48 -3.49
N VAL A 311 -20.52 -8.75 -2.96
CA VAL A 311 -21.76 -8.77 -3.75
C VAL A 311 -22.83 -7.89 -3.10
N VAL A 312 -23.46 -7.05 -3.91
CA VAL A 312 -24.59 -6.24 -3.42
C VAL A 312 -25.87 -6.66 -4.14
N ILE A 313 -26.89 -7.03 -3.37
CA ILE A 313 -28.16 -7.49 -3.91
C ILE A 313 -29.12 -6.30 -3.98
N ILE A 314 -29.68 -6.06 -5.16
CA ILE A 314 -30.58 -4.94 -5.40
C ILE A 314 -31.92 -5.45 -5.94
N PRO A 315 -33.03 -5.14 -5.24
CA PRO A 315 -34.35 -5.42 -5.80
C PRO A 315 -34.65 -4.55 -7.02
N CYS A 316 -35.02 -5.18 -8.12
CA CYS A 316 -35.34 -4.46 -9.37
C CYS A 316 -36.80 -4.72 -9.76
N SER A 323 -47.20 -4.28 -6.99
CA SER A 323 -48.03 -4.89 -5.95
C SER A 323 -47.23 -5.11 -4.67
N GLU A 324 -47.87 -4.87 -3.53
CA GLU A 324 -47.21 -5.03 -2.22
C GLU A 324 -46.78 -6.47 -1.95
N GLU A 325 -47.58 -7.43 -2.42
CA GLU A 325 -47.24 -8.85 -2.29
C GLU A 325 -46.05 -9.21 -3.19
N ASP A 326 -46.08 -8.72 -4.43
CA ASP A 326 -44.99 -8.95 -5.39
C ASP A 326 -43.70 -8.25 -4.95
N LYS A 327 -43.84 -7.09 -4.30
CA LYS A 327 -42.70 -6.37 -3.74
C LYS A 327 -42.05 -7.16 -2.61
N GLU A 328 -42.88 -7.75 -1.75
CA GLU A 328 -42.38 -8.56 -0.63
C GLU A 328 -41.80 -9.89 -1.10
N ALA A 329 -42.32 -10.41 -2.21
CA ALA A 329 -41.75 -11.61 -2.85
C ALA A 329 -40.36 -11.31 -3.40
N LEU A 330 -40.19 -10.10 -3.94
CA LEU A 330 -38.91 -9.65 -4.48
C LEU A 330 -37.89 -9.48 -3.34
N ILE A 331 -38.36 -8.99 -2.20
CA ILE A 331 -37.53 -8.90 -0.99
C ILE A 331 -37.12 -10.29 -0.51
N ALA A 332 -38.08 -11.23 -0.52
CA ALA A 332 -37.82 -12.60 -0.06
C ALA A 332 -36.73 -13.28 -0.89
N LYS A 333 -36.81 -13.14 -2.20
CA LYS A 333 -35.79 -13.66 -3.12
C LYS A 333 -34.40 -13.10 -2.82
N CYS A 334 -34.34 -11.82 -2.48
CA CYS A 334 -33.07 -11.16 -2.16
C CYS A 334 -32.47 -11.66 -0.84
N ASN A 335 -33.31 -11.85 0.17
CA ASN A 335 -32.86 -12.45 1.43
C ASN A 335 -32.44 -13.90 1.25
N ASP A 336 -33.07 -14.59 0.30
CA ASP A 336 -32.68 -15.96 -0.05
C ASP A 336 -31.29 -15.98 -0.64
N TYR A 337 -31.05 -15.15 -1.65
CA TYR A 337 -29.72 -15.03 -2.25
C TYR A 337 -28.68 -14.53 -1.26
N ARG A 338 -29.08 -13.65 -0.35
CA ARG A 338 -28.17 -13.10 0.66
C ARG A 338 -27.58 -14.21 1.53
N ARG A 339 -28.45 -14.97 2.20
CA ARG A 339 -28.01 -16.03 3.12
C ARG A 339 -27.34 -17.20 2.40
N ARG A 340 -27.75 -17.46 1.15
CA ARG A 340 -27.10 -18.49 0.33
C ARG A 340 -25.64 -18.17 0.04
N LEU A 341 -25.33 -16.88 -0.10
CA LEU A 341 -23.96 -16.44 -0.35
C LEU A 341 -23.15 -16.42 0.95
N LEU A 342 -23.80 -16.12 2.07
CA LEU A 342 -23.16 -16.21 3.38
C LEU A 342 -22.79 -17.65 3.74
N SER A 343 -23.51 -18.63 3.18
CA SER A 343 -23.20 -20.04 3.39
C SER A 343 -21.96 -20.50 2.62
N VAL A 344 -21.50 -19.68 1.66
CA VAL A 344 -20.22 -19.92 0.97
C VAL A 344 -19.21 -18.85 1.38
N ASN A 345 -19.43 -18.25 2.55
CA ASN A 345 -18.56 -17.19 3.09
C ASN A 345 -18.26 -16.02 2.15
N ILE A 346 -19.18 -15.76 1.21
CA ILE A 346 -19.08 -14.59 0.35
C ILE A 346 -19.66 -13.40 1.10
N ARG A 347 -18.87 -12.34 1.24
CA ARG A 347 -19.32 -11.13 1.91
C ARG A 347 -20.36 -10.40 1.06
N VAL A 348 -21.61 -10.45 1.51
CA VAL A 348 -22.74 -9.95 0.73
C VAL A 348 -23.61 -9.02 1.58
N ARG A 349 -24.29 -8.08 0.92
CA ARG A 349 -25.24 -7.20 1.56
CA ARG A 349 -25.26 -7.22 1.57
C ARG A 349 -26.45 -6.99 0.64
N ALA A 350 -27.65 -6.99 1.23
CA ALA A 350 -28.87 -6.71 0.49
C ALA A 350 -29.25 -5.25 0.73
N ASP A 351 -29.38 -4.48 -0.34
CA ASP A 351 -29.83 -3.10 -0.26
C ASP A 351 -31.33 -3.08 -0.47
N LEU A 352 -32.08 -3.23 0.63
CA LEU A 352 -33.53 -3.35 0.58
C LEU A 352 -34.24 -2.05 0.98
N ARG A 353 -33.49 -0.95 1.04
CA ARG A 353 -34.06 0.37 1.33
C ARG A 353 -35.03 0.76 0.23
N ASP A 354 -36.30 0.97 0.59
CA ASP A 354 -37.33 1.34 -0.38
C ASP A 354 -37.35 2.85 -0.68
N ASN A 355 -36.64 3.63 0.13
CA ASN A 355 -36.52 5.08 -0.08
C ASN A 355 -35.67 5.46 -1.29
N TYR A 356 -34.79 4.57 -1.73
CA TYR A 356 -33.98 4.78 -2.93
C TYR A 356 -34.45 3.90 -4.08
N SER A 357 -34.41 4.43 -5.29
CA SER A 357 -34.84 3.70 -6.48
C SER A 357 -33.74 2.73 -6.94
N PRO A 358 -34.11 1.70 -7.73
CA PRO A 358 -33.10 0.79 -8.29
C PRO A 358 -31.99 1.52 -9.06
N GLY A 359 -32.37 2.51 -9.86
CA GLY A 359 -31.42 3.30 -10.63
C GLY A 359 -30.40 4.02 -9.77
N TRP A 360 -30.88 4.55 -8.65
CA TRP A 360 -30.01 5.22 -7.69
C TRP A 360 -29.01 4.23 -7.08
N LYS A 361 -29.49 3.03 -6.78
CA LYS A 361 -28.66 2.00 -6.16
C LYS A 361 -27.56 1.50 -7.09
N PHE A 362 -27.89 1.28 -8.37
CA PHE A 362 -26.91 0.82 -9.35
C PHE A 362 -25.72 1.78 -9.38
N ASN A 363 -26.02 3.06 -9.56
CA ASN A 363 -24.99 4.10 -9.60
C ASN A 363 -24.25 4.21 -8.27
N HIS A 364 -25.01 4.19 -7.18
CA HIS A 364 -24.43 4.31 -5.83
C HIS A 364 -23.39 3.24 -5.57
N TRP A 365 -23.74 1.99 -5.85
CA TRP A 365 -22.83 0.86 -5.63
C TRP A 365 -21.78 0.71 -6.74
N GLU A 366 -22.03 1.34 -7.89
CA GLU A 366 -21.04 1.47 -8.96
C GLU A 366 -19.89 2.35 -8.45
N LEU A 367 -20.24 3.53 -7.94
CA LEU A 367 -19.27 4.48 -7.38
C LEU A 367 -18.43 3.88 -6.27
N LYS A 368 -19.06 3.05 -5.44
CA LYS A 368 -18.37 2.40 -4.32
C LYS A 368 -17.54 1.19 -4.78
N GLY A 369 -17.82 0.69 -5.98
CA GLY A 369 -16.97 -0.31 -6.62
C GLY A 369 -17.17 -1.73 -6.12
N VAL A 370 -18.39 -2.08 -5.76
CA VAL A 370 -18.72 -3.45 -5.35
C VAL A 370 -18.53 -4.37 -6.56
N PRO A 371 -17.69 -5.41 -6.43
CA PRO A 371 -17.36 -6.29 -7.55
C PRO A 371 -18.56 -6.76 -8.37
N ILE A 372 -19.62 -7.21 -7.70
CA ILE A 372 -20.79 -7.76 -8.38
C ILE A 372 -22.09 -7.16 -7.84
N ARG A 373 -22.91 -6.63 -8.73
CA ARG A 373 -24.27 -6.21 -8.39
C ARG A 373 -25.25 -7.32 -8.76
N LEU A 374 -25.73 -8.05 -7.76
CA LEU A 374 -26.72 -9.10 -7.98
C LEU A 374 -28.10 -8.44 -8.15
N GLU A 375 -28.59 -8.43 -9.39
CA GLU A 375 -29.82 -7.74 -9.73
C GLU A 375 -30.94 -8.74 -10.03
N VAL A 376 -32.08 -8.59 -9.35
CA VAL A 376 -33.21 -9.49 -9.53
C VAL A 376 -34.54 -8.72 -9.58
N GLY A 377 -35.25 -8.85 -10.69
CA GLY A 377 -36.55 -8.21 -10.90
C GLY A 377 -37.69 -9.22 -10.94
N PRO A 378 -38.94 -8.73 -11.09
CA PRO A 378 -40.12 -9.59 -11.13
C PRO A 378 -40.05 -10.69 -12.20
N ARG A 379 -39.62 -10.32 -13.40
CA ARG A 379 -39.55 -11.27 -14.52
C ARG A 379 -38.43 -12.30 -14.33
N ASP A 380 -37.30 -11.85 -13.79
CA ASP A 380 -36.17 -12.74 -13.50
C ASP A 380 -36.53 -13.74 -12.41
N MET A 381 -37.21 -13.27 -11.38
CA MET A 381 -37.69 -14.13 -10.29
C MET A 381 -38.63 -15.22 -10.81
N LYS A 382 -39.49 -14.86 -11.75
CA LYS A 382 -40.42 -15.83 -12.36
C LYS A 382 -39.67 -16.87 -13.20
N SER A 383 -38.62 -16.45 -13.88
CA SER A 383 -37.85 -17.33 -14.77
C SER A 383 -36.74 -18.12 -14.05
N CYS A 384 -36.68 -18.01 -12.72
CA CYS A 384 -35.64 -18.66 -11.92
C CYS A 384 -34.23 -18.28 -12.37
N GLN A 385 -33.93 -16.98 -12.31
CA GLN A 385 -32.64 -16.46 -12.72
C GLN A 385 -32.40 -15.06 -12.13
N PHE A 386 -31.22 -14.50 -12.41
CA PHE A 386 -30.88 -13.14 -11.97
C PHE A 386 -29.71 -12.59 -12.78
N VAL A 387 -29.70 -11.27 -12.95
CA VAL A 387 -28.60 -10.60 -13.66
C VAL A 387 -27.46 -10.31 -12.68
N ALA A 388 -26.25 -10.69 -13.05
CA ALA A 388 -25.05 -10.45 -12.24
C ALA A 388 -24.09 -9.56 -13.01
N VAL A 389 -23.93 -8.33 -12.54
CA VAL A 389 -23.12 -7.32 -13.22
C VAL A 389 -21.73 -7.21 -12.63
N ARG A 390 -20.71 -7.50 -13.44
CA ARG A 390 -19.30 -7.36 -13.03
C ARG A 390 -18.90 -5.89 -13.07
N ARG A 391 -18.19 -5.43 -12.03
CA ARG A 391 -17.80 -4.03 -11.90
C ARG A 391 -16.63 -3.65 -12.82
N ASP A 392 -15.71 -4.58 -13.02
CA ASP A 392 -14.50 -4.33 -13.81
C ASP A 392 -14.79 -4.19 -15.31
N THR A 393 -15.65 -5.07 -15.84
CA THR A 393 -15.94 -5.11 -17.27
C THR A 393 -17.29 -4.48 -17.63
N GLY A 394 -18.27 -4.59 -16.74
CA GLY A 394 -19.63 -4.14 -17.00
C GLY A 394 -20.48 -5.22 -17.65
N GLU A 395 -19.99 -6.46 -17.65
CA GLU A 395 -20.68 -7.58 -18.28
C GLU A 395 -21.87 -8.04 -17.45
N LYS A 396 -23.04 -8.14 -18.08
CA LYS A 396 -24.27 -8.53 -17.42
C LYS A 396 -24.57 -10.00 -17.69
N LEU A 397 -24.26 -10.85 -16.72
CA LEU A 397 -24.40 -12.31 -16.89
C LEU A 397 -25.69 -12.81 -16.23
N THR A 398 -26.50 -13.55 -16.98
CA THR A 398 -27.72 -14.14 -16.44
C THR A 398 -27.41 -15.54 -15.93
N VAL A 399 -27.55 -15.73 -14.62
CA VAL A 399 -27.26 -17.01 -13.96
C VAL A 399 -28.55 -17.57 -13.37
N ALA A 400 -28.77 -18.88 -13.56
CA ALA A 400 -29.93 -19.55 -13.01
C ALA A 400 -29.80 -19.67 -11.49
N GLU A 401 -30.94 -19.64 -10.79
CA GLU A 401 -30.98 -19.64 -9.33
C GLU A 401 -30.20 -20.82 -8.71
N ASN A 402 -30.23 -21.96 -9.39
CA ASN A 402 -29.48 -23.15 -8.94
C ASN A 402 -27.95 -23.01 -9.08
N GLU A 403 -27.51 -22.30 -10.11
CA GLU A 403 -26.06 -22.07 -10.34
C GLU A 403 -25.57 -20.74 -9.74
N ALA A 404 -26.31 -20.19 -8.78
CA ALA A 404 -26.05 -18.86 -8.25
C ALA A 404 -24.76 -18.78 -7.43
N GLU A 405 -24.58 -19.72 -6.52
CA GLU A 405 -23.49 -19.66 -5.53
C GLU A 405 -22.18 -20.29 -6.03
N THR A 406 -22.24 -21.09 -7.09
CA THR A 406 -21.04 -21.66 -7.70
C THR A 406 -20.45 -20.72 -8.76
N LYS A 407 -21.32 -20.04 -9.50
CA LYS A 407 -20.90 -19.14 -10.57
C LYS A 407 -20.34 -17.81 -10.04
N LEU A 408 -20.98 -17.27 -9.00
CA LEU A 408 -20.58 -15.96 -8.46
C LEU A 408 -19.17 -15.98 -7.85
N GLN A 409 -18.81 -17.08 -7.20
CA GLN A 409 -17.44 -17.21 -6.68
C GLN A 409 -16.43 -17.38 -7.82
N ALA A 410 -16.86 -18.03 -8.90
CA ALA A 410 -16.05 -18.12 -10.11
C ALA A 410 -15.89 -16.74 -10.77
N ILE A 411 -16.95 -15.93 -10.68
CA ILE A 411 -16.92 -14.56 -11.19
C ILE A 411 -16.01 -13.69 -10.32
N LEU A 412 -16.13 -13.80 -8.99
CA LEU A 412 -15.28 -13.05 -8.07
C LEU A 412 -13.79 -13.34 -8.30
N GLU A 413 -13.47 -14.62 -8.45
CA GLU A 413 -12.09 -15.03 -8.76
C GLU A 413 -11.60 -14.45 -10.08
N ASP A 414 -12.47 -14.46 -11.09
CA ASP A 414 -12.12 -13.92 -12.40
C ASP A 414 -11.98 -12.40 -12.39
N ILE A 415 -12.70 -11.72 -11.49
CA ILE A 415 -12.56 -10.27 -11.32
C ILE A 415 -11.19 -9.95 -10.71
N GLN A 416 -10.82 -10.68 -9.66
CA GLN A 416 -9.52 -10.51 -9.01
C GLN A 416 -8.38 -10.76 -10.00
N VAL A 417 -8.52 -11.79 -10.83
CA VAL A 417 -7.49 -12.14 -11.81
C VAL A 417 -7.45 -11.12 -12.95
N THR A 418 -8.62 -10.71 -13.43
CA THR A 418 -8.71 -9.70 -14.50
C THR A 418 -8.05 -8.38 -14.10
N LEU A 419 -8.27 -7.96 -12.84
CA LEU A 419 -7.70 -6.71 -12.34
C LEU A 419 -6.17 -6.77 -12.27
N PHE A 420 -5.64 -7.89 -11.76
CA PHE A 420 -4.20 -8.07 -11.66
C PHE A 420 -3.53 -8.17 -13.04
N THR A 421 -4.14 -8.92 -13.95
CA THR A 421 -3.59 -9.11 -15.29
C THR A 421 -3.59 -7.80 -16.08
N ARG A 422 -4.71 -7.08 -16.05
CA ARG A 422 -4.81 -5.77 -16.70
C ARG A 422 -3.72 -4.81 -16.21
N ALA A 423 -3.55 -4.73 -14.90
CA ALA A 423 -2.56 -3.86 -14.28
C ALA A 423 -1.13 -4.36 -14.53
N SER A 424 -0.92 -5.67 -14.44
CA SER A 424 0.39 -6.26 -14.66
C SER A 424 0.93 -5.92 -16.05
N GLU A 425 0.11 -6.16 -17.08
CA GLU A 425 0.50 -5.86 -18.45
C GLU A 425 0.64 -4.36 -18.68
N ASP A 426 -0.18 -3.58 -17.98
CA ASP A 426 -0.05 -2.12 -17.98
C ASP A 426 1.36 -1.71 -17.51
N LEU A 427 1.88 -2.43 -16.53
CA LEU A 427 3.23 -2.18 -16.00
C LEU A 427 4.31 -2.57 -17.01
N LYS A 428 4.23 -3.80 -17.53
CA LYS A 428 5.21 -4.30 -18.52
C LYS A 428 5.34 -3.34 -19.69
N THR A 429 4.19 -2.91 -20.22
CA THR A 429 4.11 -1.98 -21.34
C THR A 429 4.78 -0.64 -21.05
N HIS A 430 4.69 -0.17 -19.80
CA HIS A 430 5.22 1.13 -19.42
C HIS A 430 6.58 1.05 -18.71
N MET A 431 7.22 -0.12 -18.75
CA MET A 431 8.57 -0.29 -18.21
C MET A 431 9.48 -0.90 -19.28
N VAL A 432 10.46 -0.11 -19.72
CA VAL A 432 11.38 -0.53 -20.80
C VAL A 432 12.83 -0.18 -20.45
N VAL A 433 13.76 -0.63 -21.29
CA VAL A 433 15.19 -0.38 -21.09
C VAL A 433 15.68 0.74 -22.00
N ALA A 434 16.59 1.55 -21.47
CA ALA A 434 17.29 2.58 -22.25
C ALA A 434 18.76 2.59 -21.86
N ASN A 435 19.63 2.79 -22.84
CA ASN A 435 21.07 2.74 -22.61
C ASN A 435 21.79 4.09 -22.74
N THR A 436 21.07 5.10 -23.22
CA THR A 436 21.60 6.46 -23.34
C THR A 436 20.67 7.43 -22.61
N MET A 437 21.18 8.62 -22.31
CA MET A 437 20.39 9.68 -21.69
C MET A 437 19.40 10.27 -22.69
N GLU A 438 19.72 10.16 -23.99
CA GLU A 438 18.88 10.69 -25.06
C GLU A 438 17.59 9.88 -25.19
N ASP A 439 17.72 8.57 -25.31
CA ASP A 439 16.57 7.66 -25.38
C ASP A 439 15.79 7.64 -24.07
N PHE A 440 16.52 7.72 -22.96
CA PHE A 440 15.93 7.76 -21.62
C PHE A 440 14.97 8.95 -21.45
N GLN A 441 15.35 10.09 -22.02
CA GLN A 441 14.53 11.31 -21.91
C GLN A 441 13.20 11.18 -22.65
N LYS A 442 13.25 10.68 -23.89
CA LYS A 442 12.06 10.56 -24.72
C LYS A 442 11.10 9.49 -24.19
N ILE A 443 11.66 8.40 -23.68
CA ILE A 443 10.86 7.33 -23.06
C ILE A 443 10.15 7.85 -21.82
N LEU A 444 10.84 8.67 -21.04
CA LEU A 444 10.26 9.30 -19.85
C LEU A 444 9.12 10.25 -20.24
N ASP A 445 9.30 10.98 -21.34
CA ASP A 445 8.30 11.95 -21.82
C ASP A 445 7.02 11.28 -22.33
N SER A 446 7.12 10.01 -22.73
CA SER A 446 5.95 9.23 -23.15
C SER A 446 5.12 8.71 -21.96
N GLY A 447 5.56 9.01 -20.74
CA GLY A 447 4.84 8.59 -19.54
C GLY A 447 5.20 7.18 -19.09
N LYS A 448 6.47 6.81 -19.25
CA LYS A 448 6.96 5.49 -18.86
C LYS A 448 8.05 5.60 -17.80
N ILE A 449 8.24 4.51 -17.07
CA ILE A 449 9.42 4.35 -16.21
C ILE A 449 10.40 3.47 -16.97
N VAL A 450 11.69 3.60 -16.68
CA VAL A 450 12.71 2.96 -17.51
C VAL A 450 13.97 2.58 -16.73
N GLN A 451 14.46 1.36 -16.99
CA GLN A 451 15.68 0.85 -16.37
C GLN A 451 16.88 1.27 -17.22
N ILE A 452 17.89 1.85 -16.57
CA ILE A 452 19.07 2.36 -17.27
C ILE A 452 20.36 1.88 -16.59
N PRO A 453 21.47 1.83 -17.35
CA PRO A 453 22.77 1.48 -16.75
C PRO A 453 23.25 2.60 -15.83
N PHE A 454 23.49 2.26 -14.56
CA PHE A 454 23.74 3.26 -13.53
C PHE A 454 24.85 2.80 -12.59
N CYS A 455 25.73 3.74 -12.23
CA CYS A 455 26.88 3.43 -11.37
C CYS A 455 26.50 3.35 -9.89
N GLY A 456 25.46 4.07 -9.49
CA GLY A 456 24.98 4.03 -8.10
C GLY A 456 25.33 5.27 -7.29
N GLU A 457 26.15 6.15 -7.86
CA GLU A 457 26.67 7.30 -7.14
C GLU A 457 25.64 8.44 -7.13
N ILE A 458 25.66 9.25 -6.08
CA ILE A 458 24.59 10.20 -5.80
C ILE A 458 24.68 11.48 -6.64
N ASP A 459 25.89 11.85 -7.06
CA ASP A 459 26.09 13.02 -7.91
C ASP A 459 25.46 12.83 -9.30
N CYS A 460 25.59 11.61 -9.83
CA CYS A 460 24.98 11.27 -11.13
C CYS A 460 23.46 11.24 -11.01
N GLU A 461 22.96 10.81 -9.86
CA GLU A 461 21.53 10.69 -9.60
C GLU A 461 20.87 12.07 -9.57
N ASP A 462 21.55 13.04 -8.98
CA ASP A 462 21.08 14.44 -8.97
C ASP A 462 21.07 15.04 -10.38
N TRP A 463 22.08 14.71 -11.17
CA TRP A 463 22.17 15.20 -12.55
C TRP A 463 21.01 14.70 -13.42
N ILE A 464 20.58 13.45 -13.19
CA ILE A 464 19.43 12.89 -13.90
C ILE A 464 18.14 13.61 -13.53
N LYS A 465 17.94 13.90 -12.24
CA LYS A 465 16.79 14.67 -11.81
C LYS A 465 16.81 16.08 -12.40
N LYS A 466 17.99 16.68 -12.45
CA LYS A 466 18.16 18.03 -12.98
C LYS A 466 17.87 18.11 -14.48
N THR A 467 18.48 17.21 -15.24
CA THR A 467 18.35 17.22 -16.70
C THR A 467 16.94 16.86 -17.18
N THR A 468 16.30 15.91 -16.51
CA THR A 468 14.95 15.47 -16.89
C THR A 468 13.87 16.50 -16.53
N ALA A 469 14.14 17.33 -15.54
CA ALA A 469 13.21 18.39 -15.13
C ALA A 469 13.20 19.53 -16.16
N ARG A 470 14.39 19.99 -16.55
CA ARG A 470 14.54 21.05 -17.55
C ARG A 470 14.01 20.63 -18.93
N ASP A 471 14.23 19.37 -19.29
CA ASP A 471 13.74 18.81 -20.54
C ASP A 471 12.30 18.31 -20.38
N MET A 481 8.82 16.57 -10.54
CA MET A 481 8.87 16.81 -11.98
C MET A 481 10.11 16.16 -12.61
N GLY A 482 11.23 16.16 -11.88
CA GLY A 482 12.42 15.43 -12.32
C GLY A 482 12.27 13.94 -12.05
N ALA A 483 13.03 13.12 -12.80
CA ALA A 483 13.03 11.68 -12.60
C ALA A 483 13.98 11.29 -11.46
N LYS A 484 13.53 10.42 -10.57
CA LYS A 484 14.35 9.92 -9.47
C LYS A 484 14.56 8.41 -9.62
N SER A 485 15.54 7.89 -8.88
CA SER A 485 15.76 6.44 -8.81
C SER A 485 14.61 5.82 -8.03
N LEU A 486 14.04 4.74 -8.57
CA LEU A 486 12.93 4.05 -7.92
C LEU A 486 13.46 2.85 -7.15
N CYS A 487 14.15 1.96 -7.85
CA CYS A 487 14.82 0.82 -7.21
C CYS A 487 15.83 0.17 -8.17
N ILE A 488 16.74 -0.61 -7.60
CA ILE A 488 17.61 -1.49 -8.36
C ILE A 488 16.93 -2.86 -8.36
N PRO A 489 16.25 -3.23 -9.46
CA PRO A 489 15.43 -4.45 -9.41
C PRO A 489 16.23 -5.73 -9.20
N PHE A 490 15.65 -6.67 -8.45
CA PHE A 490 16.28 -7.99 -8.25
C PHE A 490 16.29 -8.78 -9.56
N LYS A 491 15.19 -8.67 -10.32
CA LYS A 491 15.06 -9.32 -11.61
C LYS A 491 14.97 -8.28 -12.73
N PRO A 492 16.12 -7.71 -13.13
CA PRO A 492 16.11 -6.69 -14.19
C PRO A 492 15.77 -7.27 -15.56
N LEU A 493 15.25 -6.42 -16.45
CA LEU A 493 14.85 -6.85 -17.79
C LEU A 493 16.04 -7.33 -18.61
N CYS A 494 17.07 -6.50 -18.68
CA CYS A 494 18.30 -6.81 -19.40
C CYS A 494 19.49 -6.91 -18.46
N GLU A 495 20.65 -7.26 -19.01
CA GLU A 495 21.86 -7.46 -18.22
C GLU A 495 23.02 -6.62 -18.77
N LEU A 496 24.00 -6.32 -17.92
CA LEU A 496 25.15 -5.51 -18.29
C LEU A 496 26.08 -6.28 -19.23
N ALA A 500 29.88 -1.91 -20.10
CA ALA A 500 28.69 -1.07 -20.14
C ALA A 500 28.93 0.22 -19.35
N LYS A 501 28.90 1.35 -20.04
CA LYS A 501 29.14 2.65 -19.41
C LYS A 501 27.88 3.19 -18.75
N CYS A 502 28.06 4.01 -17.73
CA CYS A 502 26.94 4.64 -17.03
C CYS A 502 26.28 5.71 -17.90
N VAL A 503 25.04 6.03 -17.57
CA VAL A 503 24.28 7.07 -18.28
C VAL A 503 24.98 8.43 -18.23
N CYS A 504 25.57 8.75 -17.08
CA CYS A 504 26.33 9.99 -16.93
C CYS A 504 27.59 10.00 -17.80
N GLY A 505 28.17 8.83 -18.04
CA GLY A 505 29.27 8.67 -18.98
C GLY A 505 30.62 9.12 -18.43
N LYS A 506 30.88 8.75 -17.18
CA LYS A 506 32.17 9.05 -16.53
C LYS A 506 32.85 7.75 -16.11
N ASN A 507 32.12 6.91 -15.37
CA ASN A 507 32.61 5.60 -14.91
C ASN A 507 31.69 4.48 -15.39
N PRO A 508 32.15 3.22 -15.32
CA PRO A 508 31.28 2.11 -15.74
C PRO A 508 30.04 1.92 -14.86
N ALA A 509 29.07 1.18 -15.39
CA ALA A 509 27.81 0.91 -14.69
C ALA A 509 27.95 -0.30 -13.77
N LYS A 510 27.32 -0.23 -12.60
CA LYS A 510 27.37 -1.31 -11.62
C LYS A 510 26.13 -2.21 -11.72
N TYR A 511 24.98 -1.62 -12.01
CA TYR A 511 23.71 -2.36 -12.08
C TYR A 511 22.63 -1.60 -12.85
N TYR A 512 21.71 -2.35 -13.46
CA TYR A 512 20.53 -1.75 -14.09
C TYR A 512 19.61 -1.24 -13.01
N THR A 513 19.25 0.04 -13.09
CA THR A 513 18.45 0.70 -12.06
C THR A 513 17.19 1.30 -12.67
N LEU A 514 16.06 1.10 -11.99
CA LEU A 514 14.77 1.60 -12.45
C LEU A 514 14.63 3.08 -12.06
N PHE A 515 14.48 3.94 -13.06
CA PHE A 515 14.27 5.37 -12.86
C PHE A 515 12.88 5.77 -13.35
N GLY A 516 12.42 6.94 -12.94
CA GLY A 516 11.13 7.48 -13.39
C GLY A 516 10.61 8.58 -12.49
N ARG A 517 9.59 9.30 -12.97
CA ARG A 517 8.91 10.31 -12.15
C ARG A 517 8.16 9.61 -11.02
N SER A 518 8.05 10.26 -9.86
CA SER A 518 7.56 9.61 -8.66
C SER A 518 6.68 10.49 -7.78
N TYR A 519 5.81 9.84 -7.01
CA TYR A 519 5.11 10.48 -5.89
C TYR A 519 6.06 10.54 -4.69
#